data_5XLK
#
_entry.id   5XLK
#
_cell.length_a   121.362
_cell.length_b   121.362
_cell.length_c   249.266
_cell.angle_alpha   90.00
_cell.angle_beta   90.00
_cell.angle_gamma   90.00
#
_symmetry.space_group_name_H-M   'I 4 2 2'
#
loop_
_entity.id
_entity.type
_entity.pdbx_description
1 polymer 'Flagellar hook-associated protein 2'
2 non-polymer 'ZINC ION'
#
_entity_poly.entity_id   1
_entity_poly.type   'polypeptide(L)'
_entity_poly.pdbx_seq_one_letter_code
;GSAKDPKATTATEHDAFKITTNAKAVPGNYVVEVNKLAQAQTLTTQAKVSDQGAKLGAEGVTDRSLTITAGNPPKETKIP
LSDDQTSLVELRDAINGAKAGVTASIMRVGDNDYQLAVSSSTTGENNKISLQVDNDDQLGDILNYNATRGTGTAMKQTVA
PQDAELTVNGTAIKRSTNSISDALQGVTIDLKTKTKTDEPQHLVISTN
;
_entity_poly.pdbx_strand_id   A,B,C
#
loop_
_chem_comp.id
_chem_comp.type
_chem_comp.name
_chem_comp.formula
ZN non-polymer 'ZINC ION' 'Zn 2'
#
# COMPACT_ATOMS: atom_id res chain seq x y z
N ASP A 15 -5.14 -7.88 15.25
CA ASP A 15 -6.17 -7.99 16.34
C ASP A 15 -7.60 -8.25 15.83
N ALA A 16 -8.05 -7.51 14.82
CA ALA A 16 -9.33 -7.79 14.13
C ALA A 16 -9.12 -8.48 12.81
N PHE A 17 -7.86 -8.68 12.42
CA PHE A 17 -7.55 -9.45 11.22
C PHE A 17 -6.07 -9.74 11.21
N LYS A 18 -5.64 -10.66 10.35
CA LYS A 18 -4.20 -10.91 10.10
C LYS A 18 -3.92 -10.40 8.69
N ILE A 19 -2.69 -9.96 8.45
CA ILE A 19 -2.28 -9.45 7.13
C ILE A 19 -1.01 -10.16 6.69
N THR A 20 -1.09 -10.99 5.65
CA THR A 20 0.10 -11.54 5.01
C THR A 20 0.44 -10.66 3.79
N THR A 21 1.72 -10.59 3.43
CA THR A 21 2.23 -9.65 2.41
C THR A 21 3.09 -10.33 1.32
N ASN A 22 2.99 -9.86 0.09
CA ASN A 22 3.79 -10.35 -1.03
C ASN A 22 4.78 -9.28 -1.50
N ALA A 23 5.53 -9.59 -2.54
CA ALA A 23 6.49 -8.64 -3.13
C ALA A 23 5.81 -7.42 -3.78
N LYS A 24 4.58 -7.59 -4.25
CA LYS A 24 3.86 -6.54 -4.97
C LYS A 24 3.20 -5.47 -4.07
N ALA A 25 3.24 -5.66 -2.74
CA ALA A 25 2.65 -4.69 -1.81
C ALA A 25 3.36 -3.34 -1.85
N VAL A 26 2.59 -2.28 -1.78
CA VAL A 26 3.13 -0.92 -1.75
C VAL A 26 3.13 -0.45 -0.30
N PRO A 27 4.33 -0.20 0.25
CA PRO A 27 4.43 0.23 1.63
C PRO A 27 3.83 1.60 1.87
N GLY A 28 3.07 1.72 2.96
CA GLY A 28 2.41 2.97 3.34
C GLY A 28 1.54 2.84 4.59
N ASN A 29 0.78 3.90 4.86
CA ASN A 29 -0.16 3.93 5.99
C ASN A 29 -1.57 3.52 5.53
N TYR A 30 -2.16 2.57 6.24
CA TYR A 30 -3.50 2.06 5.90
C TYR A 30 -4.39 2.13 7.14
N VAL A 31 -5.64 2.54 6.94
CA VAL A 31 -6.64 2.41 7.97
C VAL A 31 -7.70 1.45 7.47
N VAL A 32 -8.02 0.46 8.31
CA VAL A 32 -8.95 -0.62 7.97
C VAL A 32 -10.17 -0.65 8.88
N GLU A 33 -11.36 -0.67 8.29
CA GLU A 33 -12.58 -0.98 9.01
C GLU A 33 -13.00 -2.37 8.56
N VAL A 34 -13.31 -3.26 9.51
CA VAL A 34 -14.03 -4.49 9.21
C VAL A 34 -15.44 -4.29 9.76
N ASN A 35 -16.45 -4.30 8.89
CA ASN A 35 -17.81 -4.01 9.29
C ASN A 35 -18.73 -5.22 9.38
N LYS A 36 -18.50 -6.21 8.52
CA LYS A 36 -19.19 -7.49 8.60
C LYS A 36 -18.21 -8.60 8.23
N LEU A 37 -18.38 -9.76 8.85
CA LEU A 37 -17.70 -10.99 8.43
C LEU A 37 -18.62 -11.88 7.59
N ALA A 38 -18.03 -12.54 6.60
CA ALA A 38 -18.77 -13.49 5.79
C ALA A 38 -19.28 -14.59 6.70
N GLN A 39 -20.54 -14.99 6.52
CA GLN A 39 -21.11 -16.11 7.26
C GLN A 39 -21.69 -17.11 6.30
N ALA A 40 -21.87 -18.32 6.81
CA ALA A 40 -22.51 -19.41 6.11
C ALA A 40 -23.94 -19.60 6.63
N GLN A 41 -24.91 -19.58 5.72
CA GLN A 41 -26.26 -19.91 6.07
C GLN A 41 -26.31 -21.18 6.86
N THR A 42 -27.19 -21.22 7.85
CA THR A 42 -27.48 -22.46 8.53
C THR A 42 -28.98 -22.61 8.68
N LEU A 43 -29.43 -23.84 8.44
CA LEU A 43 -30.79 -24.25 8.65
C LEU A 43 -30.78 -25.20 9.84
N THR A 44 -31.90 -25.30 10.56
CA THR A 44 -32.00 -26.19 11.71
C THR A 44 -33.42 -26.72 11.89
N THR A 45 -33.53 -28.00 12.20
CA THR A 45 -34.84 -28.58 12.33
C THR A 45 -35.48 -28.00 13.56
N GLN A 46 -36.81 -27.98 13.58
CA GLN A 46 -37.60 -27.49 14.73
C GLN A 46 -38.55 -28.55 15.31
N ALA A 47 -38.83 -29.61 14.56
CA ALA A 47 -39.62 -30.73 15.08
C ALA A 47 -38.95 -31.26 16.33
N LYS A 48 -39.75 -31.61 17.33
CA LYS A 48 -39.26 -32.24 18.54
C LYS A 48 -38.83 -33.64 18.18
N VAL A 49 -37.56 -33.94 18.38
CA VAL A 49 -36.99 -35.28 18.21
C VAL A 49 -36.32 -35.63 19.52
N SER A 50 -36.69 -36.77 20.11
CA SER A 50 -36.18 -37.16 21.42
C SER A 50 -35.23 -38.36 21.45
N ASP A 51 -35.05 -39.00 20.30
CA ASP A 51 -34.04 -40.06 20.12
C ASP A 51 -33.43 -39.79 18.77
N GLN A 52 -32.14 -39.54 18.74
CA GLN A 52 -31.48 -39.24 17.46
C GLN A 52 -31.47 -40.46 16.54
N GLY A 53 -31.55 -41.66 17.10
CA GLY A 53 -31.63 -42.86 16.31
C GLY A 53 -33.02 -43.16 15.75
N ALA A 54 -34.05 -42.48 16.26
CA ALA A 54 -35.43 -42.80 15.91
C ALA A 54 -35.72 -42.46 14.45
N LYS A 55 -36.43 -43.32 13.74
CA LYS A 55 -36.70 -43.09 12.32
C LYS A 55 -37.85 -42.11 12.18
N LEU A 56 -37.58 -40.97 11.56
CA LEU A 56 -38.57 -39.90 11.45
C LEU A 56 -39.48 -40.02 10.22
N GLY A 57 -39.05 -40.80 9.24
CA GLY A 57 -39.80 -40.93 7.98
C GLY A 57 -40.90 -41.96 7.96
N ALA A 58 -41.71 -41.90 6.90
CA ALA A 58 -42.82 -42.80 6.67
C ALA A 58 -42.35 -44.21 6.39
N GLU A 59 -43.16 -45.20 6.74
CA GLU A 59 -42.76 -46.62 6.60
C GLU A 59 -43.01 -47.13 5.17
N GLY A 60 -42.00 -47.79 4.59
CA GLY A 60 -42.19 -48.57 3.36
C GLY A 60 -41.89 -47.89 2.04
N VAL A 61 -41.61 -46.59 2.07
CA VAL A 61 -41.30 -45.85 0.85
C VAL A 61 -39.99 -46.39 0.22
N THR A 62 -40.01 -46.68 -1.07
CA THR A 62 -38.81 -47.15 -1.79
C THR A 62 -38.22 -46.15 -2.79
N ASP A 63 -38.84 -44.98 -2.96
CA ASP A 63 -38.41 -43.99 -3.95
C ASP A 63 -38.19 -42.64 -3.32
N ARG A 64 -37.77 -42.64 -2.06
CA ARG A 64 -37.55 -41.41 -1.29
C ARG A 64 -36.23 -40.80 -1.67
N SER A 65 -36.17 -39.49 -1.70
CA SER A 65 -34.91 -38.83 -1.93
C SER A 65 -34.89 -37.46 -1.31
N LEU A 66 -33.69 -36.93 -1.13
CA LEU A 66 -33.46 -35.58 -0.67
C LEU A 66 -32.65 -34.87 -1.72
N THR A 67 -33.03 -33.64 -2.03
CA THR A 67 -32.32 -32.84 -3.01
C THR A 67 -31.81 -31.66 -2.31
N ILE A 68 -30.51 -31.43 -2.38
CA ILE A 68 -29.90 -30.27 -1.79
C ILE A 68 -29.46 -29.30 -2.87
N THR A 69 -29.83 -28.04 -2.76
CA THR A 69 -29.22 -27.02 -3.61
C THR A 69 -28.35 -26.13 -2.76
N ALA A 70 -27.09 -25.96 -3.19
CA ALA A 70 -26.07 -25.26 -2.44
C ALA A 70 -24.99 -24.74 -3.37
N GLY A 71 -24.35 -23.64 -2.98
CA GLY A 71 -23.17 -23.14 -3.67
C GLY A 71 -23.36 -21.89 -4.48
N ASN A 72 -22.25 -21.41 -5.05
CA ASN A 72 -22.31 -20.31 -6.01
C ASN A 72 -21.23 -20.47 -7.08
N PRO A 73 -21.62 -20.89 -8.29
CA PRO A 73 -23.01 -21.10 -8.74
C PRO A 73 -23.62 -22.28 -8.05
N PRO A 74 -24.93 -22.40 -8.08
CA PRO A 74 -25.57 -23.44 -7.31
C PRO A 74 -25.48 -24.75 -8.03
N LYS A 75 -25.27 -25.84 -7.28
CA LYS A 75 -25.34 -27.18 -7.82
C LYS A 75 -26.50 -27.91 -7.08
N GLU A 76 -27.26 -28.74 -7.78
CA GLU A 76 -28.32 -29.55 -7.13
C GLU A 76 -27.77 -30.95 -6.93
N THR A 77 -27.98 -31.56 -5.77
CA THR A 77 -27.60 -32.95 -5.55
C THR A 77 -28.77 -33.74 -5.05
N LYS A 78 -29.14 -34.81 -5.75
CA LYS A 78 -30.23 -35.67 -5.35
C LYS A 78 -29.65 -36.96 -4.80
N ILE A 79 -29.98 -37.29 -3.56
CA ILE A 79 -29.54 -38.55 -2.98
C ILE A 79 -30.74 -39.35 -2.51
N PRO A 80 -30.72 -40.67 -2.75
CA PRO A 80 -31.77 -41.53 -2.22
C PRO A 80 -31.59 -41.74 -0.73
N LEU A 81 -32.69 -42.09 -0.06
CA LEU A 81 -32.69 -42.40 1.36
C LEU A 81 -33.56 -43.61 1.63
N SER A 82 -32.98 -44.69 2.09
CA SER A 82 -33.75 -45.81 2.58
C SER A 82 -34.47 -45.42 3.88
N ASP A 83 -35.46 -46.21 4.30
CA ASP A 83 -36.16 -45.97 5.58
C ASP A 83 -35.18 -45.93 6.77
N ASP A 84 -34.27 -46.91 6.86
CA ASP A 84 -33.20 -46.89 7.87
C ASP A 84 -32.44 -45.55 7.91
N GLN A 85 -32.42 -44.81 6.81
CA GLN A 85 -31.65 -43.56 6.74
C GLN A 85 -32.40 -42.30 7.14
N THR A 86 -33.60 -42.42 7.70
CA THR A 86 -34.39 -41.23 8.05
C THR A 86 -34.37 -40.86 9.55
N SER A 87 -33.36 -41.35 10.26
CA SER A 87 -33.14 -40.93 11.63
C SER A 87 -32.17 -39.77 11.56
N LEU A 88 -32.14 -38.90 12.56
CA LEU A 88 -31.26 -37.74 12.49
C LEU A 88 -29.84 -38.18 12.27
N VAL A 89 -29.40 -39.19 13.01
CA VAL A 89 -28.02 -39.66 12.89
C VAL A 89 -27.72 -40.12 11.47
N GLU A 90 -28.61 -40.87 10.85
CA GLU A 90 -28.33 -41.35 9.51
C GLU A 90 -28.58 -40.27 8.43
N LEU A 91 -29.51 -39.35 8.64
CA LEU A 91 -29.66 -38.22 7.73
C LEU A 91 -28.37 -37.40 7.67
N ARG A 92 -27.87 -37.02 8.84
CA ARG A 92 -26.59 -36.37 8.95
C ARG A 92 -25.54 -37.13 8.18
N ASP A 93 -25.36 -38.40 8.50
CA ASP A 93 -24.32 -39.17 7.82
C ASP A 93 -24.52 -39.15 6.29
N ALA A 94 -25.77 -39.21 5.84
CA ALA A 94 -26.11 -39.19 4.40
C ALA A 94 -25.76 -37.90 3.76
N ILE A 95 -26.23 -36.80 4.34
CA ILE A 95 -25.93 -35.46 3.86
C ILE A 95 -24.41 -35.23 3.77
N ASN A 96 -23.67 -35.62 4.80
CA ASN A 96 -22.24 -35.39 4.82
C ASN A 96 -21.56 -36.24 3.80
N GLY A 97 -22.06 -37.45 3.57
CA GLY A 97 -21.49 -38.33 2.55
C GLY A 97 -21.60 -37.78 1.14
N ALA A 98 -22.64 -36.96 0.92
CA ALA A 98 -23.01 -36.51 -0.41
C ALA A 98 -22.05 -35.52 -1.01
N LYS A 99 -21.16 -34.93 -0.19
CA LYS A 99 -20.29 -33.85 -0.65
C LYS A 99 -21.14 -32.96 -1.53
N ALA A 100 -22.22 -32.45 -0.94
CA ALA A 100 -23.21 -31.65 -1.65
C ALA A 100 -23.08 -30.14 -1.36
N GLY A 101 -21.93 -29.68 -0.91
CA GLY A 101 -21.81 -28.27 -0.52
C GLY A 101 -22.51 -27.79 0.74
N VAL A 102 -22.93 -28.70 1.61
CA VAL A 102 -23.34 -28.35 2.96
C VAL A 102 -22.83 -29.41 3.94
N THR A 103 -22.80 -29.08 5.21
CA THR A 103 -22.34 -30.00 6.22
C THR A 103 -23.40 -30.03 7.30
N ALA A 104 -23.58 -31.20 7.92
CA ALA A 104 -24.71 -31.43 8.81
C ALA A 104 -24.20 -31.92 10.13
N SER A 105 -24.84 -31.48 11.20
CA SER A 105 -24.44 -31.88 12.52
C SER A 105 -25.61 -31.83 13.48
N ILE A 106 -25.54 -32.63 14.54
CA ILE A 106 -26.64 -32.79 15.48
C ILE A 106 -26.31 -32.09 16.76
N MET A 107 -27.20 -31.20 17.16
CA MET A 107 -27.08 -30.48 18.40
C MET A 107 -27.98 -31.14 19.39
N ARG A 108 -27.48 -31.40 20.59
CA ARG A 108 -28.26 -31.98 21.66
C ARG A 108 -28.66 -30.85 22.61
N VAL A 109 -29.82 -30.26 22.37
CA VAL A 109 -30.29 -29.15 23.18
C VAL A 109 -30.44 -29.58 24.66
N GLY A 110 -30.92 -30.79 24.87
CA GLY A 110 -30.91 -31.38 26.19
C GLY A 110 -31.22 -32.86 26.12
N ASP A 111 -31.39 -33.47 27.28
CA ASP A 111 -31.89 -34.84 27.34
C ASP A 111 -33.14 -34.89 26.46
N ASN A 112 -33.20 -35.90 25.59
CA ASN A 112 -34.38 -36.15 24.77
C ASN A 112 -34.87 -34.95 23.95
N ASP A 113 -33.92 -34.13 23.45
CA ASP A 113 -34.25 -32.96 22.62
C ASP A 113 -33.09 -32.67 21.65
N TYR A 114 -33.25 -33.12 20.41
CA TYR A 114 -32.19 -33.07 19.43
C TYR A 114 -32.56 -32.22 18.22
N GLN A 115 -31.58 -31.60 17.58
CA GLN A 115 -31.82 -30.86 16.36
C GLN A 115 -30.73 -31.09 15.34
N LEU A 116 -31.13 -31.21 14.08
CA LEU A 116 -30.19 -31.36 12.99
C LEU A 116 -29.93 -30.00 12.41
N ALA A 117 -28.65 -29.70 12.16
CA ALA A 117 -28.24 -28.40 11.64
C ALA A 117 -27.56 -28.63 10.32
N VAL A 118 -28.03 -27.95 9.27
CA VAL A 118 -27.43 -28.04 7.94
C VAL A 118 -26.85 -26.68 7.61
N SER A 119 -25.54 -26.61 7.39
CA SER A 119 -24.86 -25.33 7.13
C SER A 119 -24.18 -25.33 5.80
N SER A 120 -24.34 -24.27 5.03
CA SER A 120 -23.56 -24.12 3.82
C SER A 120 -22.10 -24.34 4.07
N SER A 121 -21.41 -24.90 3.09
CA SER A 121 -19.96 -25.16 3.19
C SER A 121 -19.17 -23.95 2.78
N THR A 122 -19.85 -22.96 2.22
CA THR A 122 -19.21 -21.76 1.69
C THR A 122 -19.94 -20.55 2.20
N THR A 123 -19.19 -19.57 2.67
CA THR A 123 -19.79 -18.36 3.15
C THR A 123 -20.25 -17.49 1.95
N GLY A 124 -21.09 -16.48 2.21
CA GLY A 124 -21.56 -15.58 1.17
C GLY A 124 -23.04 -15.18 1.27
N GLU A 125 -23.34 -13.95 0.89
CA GLU A 125 -24.70 -13.47 0.84
C GLU A 125 -25.51 -14.26 -0.16
N ASN A 126 -24.84 -14.78 -1.18
CA ASN A 126 -25.49 -15.49 -2.27
C ASN A 126 -25.18 -16.97 -2.28
N ASN A 127 -24.89 -17.52 -1.12
CA ASN A 127 -24.63 -18.94 -1.03
C ASN A 127 -25.71 -19.62 -0.21
N LYS A 128 -26.95 -19.59 -0.68
CA LYS A 128 -28.06 -20.08 0.13
C LYS A 128 -28.32 -21.57 -0.13
N ILE A 129 -28.97 -22.22 0.82
CA ILE A 129 -29.36 -23.62 0.72
C ILE A 129 -30.85 -23.77 0.50
N SER A 130 -31.23 -24.81 -0.22
CA SER A 130 -32.60 -25.28 -0.22
C SER A 130 -32.57 -26.79 0.02
N LEU A 131 -33.69 -27.33 0.48
CA LEU A 131 -33.81 -28.76 0.72
C LEU A 131 -35.20 -29.16 0.28
N GLN A 132 -35.32 -30.31 -0.35
CA GLN A 132 -36.61 -30.77 -0.85
C GLN A 132 -36.61 -32.26 -0.77
N VAL A 133 -37.56 -32.83 -0.03
CA VAL A 133 -37.68 -34.28 0.04
C VAL A 133 -38.68 -34.66 -1.03
N ASP A 134 -38.44 -35.76 -1.73
CA ASP A 134 -39.43 -36.23 -2.69
C ASP A 134 -39.92 -37.60 -2.23
N ASN A 135 -41.24 -37.81 -2.32
CA ASN A 135 -41.89 -39.06 -1.91
C ASN A 135 -42.01 -39.34 -0.40
N ASP A 136 -41.81 -38.33 0.44
CA ASP A 136 -42.08 -38.50 1.87
C ASP A 136 -42.50 -37.22 2.59
N ASP A 137 -43.79 -36.91 2.50
CA ASP A 137 -44.33 -35.69 3.07
C ASP A 137 -43.98 -35.56 4.56
N GLN A 138 -44.02 -36.67 5.31
CA GLN A 138 -43.73 -36.64 6.76
C GLN A 138 -42.34 -36.12 7.06
N LEU A 139 -41.34 -36.65 6.35
CA LEU A 139 -39.95 -36.24 6.52
C LEU A 139 -39.73 -34.86 5.93
N GLY A 140 -40.47 -34.58 4.86
CA GLY A 140 -40.46 -33.25 4.26
C GLY A 140 -40.84 -32.17 5.26
N ASP A 141 -41.89 -32.43 6.04
CA ASP A 141 -42.35 -31.49 7.07
C ASP A 141 -41.33 -31.23 8.16
N ILE A 142 -40.21 -31.97 8.14
CA ILE A 142 -39.09 -31.74 9.05
C ILE A 142 -37.93 -31.08 8.30
N LEU A 143 -37.64 -31.53 7.09
CA LEU A 143 -36.46 -31.06 6.37
C LEU A 143 -36.68 -29.96 5.35
N ASN A 144 -37.74 -30.04 4.57
CA ASN A 144 -37.94 -29.12 3.46
C ASN A 144 -37.66 -27.67 3.86
N TYR A 145 -36.90 -26.96 3.02
CA TYR A 145 -36.65 -25.53 3.17
C TYR A 145 -36.49 -24.84 1.82
N ASN A 146 -37.30 -23.80 1.55
CA ASN A 146 -37.21 -23.05 0.30
C ASN A 146 -37.54 -21.56 0.47
N ALA A 147 -38.35 -20.93 -0.37
CA ALA A 147 -38.48 -19.48 -0.23
C ALA A 147 -39.57 -19.12 0.76
N THR A 148 -40.56 -20.00 0.95
CA THR A 148 -41.70 -19.70 1.85
C THR A 148 -41.98 -20.80 2.93
N ARG A 149 -42.45 -20.32 4.10
CA ARG A 149 -42.47 -21.06 5.37
C ARG A 149 -43.77 -20.83 6.17
N GLY A 150 -44.15 -21.80 7.01
CA GLY A 150 -45.43 -21.78 7.76
C GLY A 150 -45.30 -21.93 9.28
N THR A 153 -43.02 -25.34 13.08
CA THR A 153 -42.12 -26.47 13.33
C THR A 153 -41.47 -27.04 12.06
N ALA A 154 -41.25 -26.18 11.06
CA ALA A 154 -40.57 -26.53 9.82
C ALA A 154 -39.14 -26.12 9.90
N MET A 155 -38.32 -26.61 8.97
CA MET A 155 -36.90 -26.26 8.95
C MET A 155 -36.79 -24.74 8.94
N LYS A 156 -35.80 -24.23 9.64
CA LYS A 156 -35.69 -22.80 9.88
C LYS A 156 -34.26 -22.29 9.73
N GLN A 157 -34.12 -21.11 9.11
CA GLN A 157 -32.84 -20.44 9.05
C GLN A 157 -32.52 -19.94 10.45
N THR A 158 -31.32 -20.21 10.92
CA THR A 158 -30.88 -19.74 12.21
C THR A 158 -29.55 -18.98 12.12
N VAL A 159 -28.85 -19.09 11.00
CA VAL A 159 -27.76 -18.15 10.67
C VAL A 159 -27.93 -17.65 9.26
N ALA A 160 -27.86 -16.34 9.09
CA ALA A 160 -28.14 -15.71 7.81
C ALA A 160 -26.86 -15.69 7.02
N PRO A 161 -26.93 -15.94 5.70
CA PRO A 161 -25.74 -15.75 4.89
C PRO A 161 -25.35 -14.31 4.81
N GLN A 162 -24.07 -14.03 4.81
CA GLN A 162 -23.61 -12.70 4.45
C GLN A 162 -22.18 -12.63 3.92
N ASP A 163 -21.94 -11.59 3.13
CA ASP A 163 -20.61 -11.28 2.62
C ASP A 163 -19.79 -10.59 3.71
N ALA A 164 -18.47 -10.51 3.52
CA ALA A 164 -17.61 -9.69 4.34
C ALA A 164 -17.71 -8.29 3.77
N GLU A 165 -17.94 -7.30 4.63
CA GLU A 165 -17.79 -5.92 4.22
C GLU A 165 -16.61 -5.40 5.05
N LEU A 166 -15.60 -4.84 4.38
CA LEU A 166 -14.53 -4.10 5.07
C LEU A 166 -14.12 -2.91 4.23
N THR A 167 -13.55 -1.89 4.85
CA THR A 167 -13.08 -0.72 4.11
C THR A 167 -11.59 -0.58 4.27
N VAL A 168 -10.91 -0.33 3.15
CA VAL A 168 -9.45 -0.16 3.09
C VAL A 168 -9.15 1.25 2.57
N ASN A 169 -8.54 2.07 3.45
CA ASN A 169 -8.34 3.52 3.25
C ASN A 169 -9.56 4.28 2.77
N GLY A 170 -10.68 4.03 3.45
CA GLY A 170 -11.95 4.70 3.12
C GLY A 170 -12.77 4.10 1.98
N THR A 171 -12.25 3.04 1.35
CA THR A 171 -12.90 2.45 0.17
C THR A 171 -13.57 1.13 0.53
N ALA A 172 -14.88 1.04 0.31
CA ALA A 172 -15.64 -0.15 0.71
C ALA A 172 -15.48 -1.31 -0.26
N ILE A 173 -15.20 -2.47 0.32
CA ILE A 173 -14.96 -3.75 -0.36
C ILE A 173 -15.93 -4.80 0.20
N LYS A 174 -16.60 -5.52 -0.69
CA LYS A 174 -17.51 -6.57 -0.29
C LYS A 174 -17.00 -7.87 -0.93
N ARG A 175 -16.91 -8.93 -0.13
CA ARG A 175 -16.49 -10.26 -0.62
C ARG A 175 -17.24 -11.40 0.10
N SER A 176 -17.30 -12.55 -0.54
CA SER A 176 -18.03 -13.68 0.00
C SER A 176 -17.24 -14.56 0.96
N THR A 177 -15.94 -14.33 1.08
CA THR A 177 -15.15 -15.08 2.05
C THR A 177 -14.44 -14.13 2.98
N ASN A 178 -13.88 -14.68 4.04
CA ASN A 178 -13.20 -13.91 5.04
C ASN A 178 -11.73 -13.88 4.75
N SER A 179 -11.31 -14.59 3.71
CA SER A 179 -9.94 -14.45 3.23
C SER A 179 -9.96 -13.57 1.98
N ILE A 180 -9.83 -12.26 2.17
CA ILE A 180 -9.78 -11.29 1.07
C ILE A 180 -8.35 -11.13 0.50
N SER A 181 -8.11 -11.69 -0.68
CA SER A 181 -6.79 -11.61 -1.32
C SER A 181 -6.80 -11.06 -2.75
N ASP A 182 -8.00 -10.70 -3.26
CA ASP A 182 -8.19 -10.20 -4.62
C ASP A 182 -8.56 -8.70 -4.59
N ALA A 183 -8.08 -7.96 -3.60
CA ALA A 183 -8.48 -6.55 -3.40
C ALA A 183 -7.31 -5.58 -3.52
N LEU A 184 -6.35 -5.71 -2.61
CA LEU A 184 -5.17 -4.87 -2.54
C LEU A 184 -3.98 -5.61 -3.12
N GLN A 185 -3.15 -4.90 -3.89
CA GLN A 185 -2.06 -5.53 -4.66
C GLN A 185 -1.03 -6.17 -3.75
N GLY A 186 -0.95 -7.50 -3.78
CA GLY A 186 0.03 -8.20 -2.96
C GLY A 186 -0.24 -8.20 -1.45
N VAL A 187 -1.50 -8.15 -1.07
CA VAL A 187 -1.87 -8.24 0.33
C VAL A 187 -3.02 -9.20 0.46
N THR A 188 -2.95 -10.08 1.46
CA THR A 188 -4.12 -10.85 1.87
C THR A 188 -4.55 -10.34 3.23
N ILE A 189 -5.86 -10.24 3.45
CA ILE A 189 -6.39 -9.92 4.75
C ILE A 189 -7.31 -11.05 5.16
N ASP A 190 -6.89 -11.82 6.15
CA ASP A 190 -7.72 -12.87 6.69
C ASP A 190 -8.46 -12.25 7.87
N LEU A 191 -9.78 -12.11 7.72
CA LEU A 191 -10.59 -11.42 8.71
C LEU A 191 -10.84 -12.32 9.89
N LYS A 192 -10.66 -11.79 11.09
CA LYS A 192 -10.87 -12.51 12.32
C LYS A 192 -12.13 -11.99 13.05
N THR A 193 -12.30 -10.67 13.10
CA THR A 193 -13.46 -10.08 13.77
C THR A 193 -13.72 -8.64 13.28
N LYS A 194 -14.89 -8.11 13.66
CA LYS A 194 -15.21 -6.69 13.44
C LYS A 194 -14.27 -5.73 14.16
N THR A 195 -14.21 -4.49 13.70
CA THR A 195 -13.49 -3.42 14.41
C THR A 195 -14.50 -2.48 15.08
N LYS A 196 -14.10 -1.82 16.17
CA LYS A 196 -15.03 -0.99 16.96
C LYS A 196 -15.64 0.12 16.10
N THR A 197 -16.83 0.57 16.50
CA THR A 197 -17.61 1.58 15.76
C THR A 197 -16.78 2.77 15.22
N ASP A 198 -16.30 3.63 16.11
CA ASP A 198 -15.61 4.86 15.68
C ASP A 198 -14.09 4.68 15.74
N GLU A 199 -13.59 3.56 15.22
CA GLU A 199 -12.19 3.15 15.46
C GLU A 199 -11.64 2.12 14.44
N PRO A 200 -11.32 2.57 13.21
CA PRO A 200 -10.60 1.70 12.28
C PRO A 200 -9.24 1.31 12.83
N GLN A 201 -8.73 0.16 12.44
CA GLN A 201 -7.43 -0.30 12.93
C GLN A 201 -6.35 0.29 12.04
N HIS A 202 -5.55 1.18 12.62
CA HIS A 202 -4.45 1.83 11.91
C HIS A 202 -3.32 0.80 11.78
N LEU A 203 -2.94 0.48 10.54
CA LEU A 203 -1.81 -0.41 10.28
C LEU A 203 -0.72 0.30 9.43
N VAL A 204 0.47 -0.31 9.40
CA VAL A 204 1.63 0.19 8.63
C VAL A 204 2.41 -0.97 7.97
N ILE A 205 2.50 -0.96 6.63
CA ILE A 205 3.27 -1.94 5.87
C ILE A 205 4.71 -1.46 5.69
N ASP B 15 -0.90 -2.01 25.74
CA ASP B 15 -2.13 -2.50 25.01
C ASP B 15 -2.68 -1.47 24.00
N ALA B 16 -2.75 -0.21 24.38
CA ALA B 16 -3.10 0.86 23.43
C ALA B 16 -1.86 1.62 22.92
N PHE B 17 -0.70 1.31 23.49
CA PHE B 17 0.56 1.89 23.06
C PHE B 17 1.72 1.09 23.65
N LYS B 18 2.91 1.29 23.09
CA LYS B 18 4.13 0.71 23.65
C LYS B 18 4.93 1.88 24.21
N ILE B 19 5.69 1.63 25.28
CA ILE B 19 6.47 2.67 25.95
C ILE B 19 7.93 2.22 26.07
N THR B 20 8.83 2.86 25.32
CA THR B 20 10.28 2.66 25.48
C THR B 20 10.84 3.76 26.42
N THR B 21 11.89 3.43 27.18
CA THR B 21 12.41 4.30 28.24
C THR B 21 13.94 4.55 28.15
N ASN B 22 14.35 5.76 28.51
CA ASN B 22 15.76 6.16 28.53
C ASN B 22 16.21 6.39 29.98
N ALA B 23 17.48 6.76 30.14
CA ALA B 23 18.04 7.07 31.45
C ALA B 23 17.40 8.30 32.11
N LYS B 24 16.92 9.25 31.30
CA LYS B 24 16.37 10.51 31.81
C LYS B 24 14.93 10.41 32.37
N ALA B 25 14.28 9.27 32.20
CA ALA B 25 12.90 9.09 32.69
C ALA B 25 12.81 9.22 34.20
N VAL B 26 11.75 9.85 34.67
CA VAL B 26 11.50 9.97 36.10
C VAL B 26 10.45 8.92 36.47
N PRO B 27 10.84 7.96 37.32
CA PRO B 27 9.92 6.91 37.74
C PRO B 27 8.74 7.42 38.58
N GLY B 28 7.56 6.92 38.27
CA GLY B 28 6.33 7.31 38.94
C GLY B 28 5.07 6.67 38.35
N ASN B 29 3.92 7.15 38.81
CA ASN B 29 2.61 6.72 38.30
C ASN B 29 2.12 7.66 37.21
N TYR B 30 1.73 7.08 36.08
CA TYR B 30 1.24 7.85 34.92
C TYR B 30 -0.10 7.30 34.48
N VAL B 31 -1.02 8.20 34.13
CA VAL B 31 -2.25 7.77 33.49
C VAL B 31 -2.28 8.37 32.09
N VAL B 32 -2.55 7.53 31.10
CA VAL B 32 -2.51 7.96 29.71
C VAL B 32 -3.86 7.80 29.01
N GLU B 33 -4.32 8.87 28.36
CA GLU B 33 -5.44 8.78 27.43
C GLU B 33 -4.82 8.90 26.04
N VAL B 34 -5.18 8.01 25.12
CA VAL B 34 -4.93 8.24 23.69
C VAL B 34 -6.30 8.54 23.10
N ASN B 35 -6.49 9.73 22.52
CA ASN B 35 -7.81 10.14 22.03
C ASN B 35 -7.91 10.13 20.54
N LYS B 36 -6.82 10.41 19.84
CA LYS B 36 -6.74 10.29 18.38
C LYS B 36 -5.37 9.76 17.98
N LEU B 37 -5.34 9.00 16.90
CA LEU B 37 -4.09 8.64 16.23
C LEU B 37 -3.85 9.48 14.99
N ALA B 38 -2.59 9.83 14.77
CA ALA B 38 -2.20 10.53 13.58
C ALA B 38 -2.58 9.67 12.39
N GLN B 39 -3.16 10.31 11.36
CA GLN B 39 -3.47 9.64 10.12
C GLN B 39 -2.83 10.38 9.00
N ALA B 40 -2.76 9.66 7.88
CA ALA B 40 -2.30 10.19 6.60
C ALA B 40 -3.49 10.41 5.67
N GLN B 41 -3.62 11.62 5.15
CA GLN B 41 -4.62 11.88 4.13
C GLN B 41 -4.55 10.84 3.03
N THR B 42 -5.70 10.45 2.54
CA THR B 42 -5.77 9.61 1.34
C THR B 42 -6.82 10.14 0.39
N LEU B 43 -6.42 10.18 -0.89
CA LEU B 43 -7.28 10.52 -1.99
C LEU B 43 -7.53 9.27 -2.84
N THR B 44 -8.69 9.18 -3.46
CA THR B 44 -9.01 8.01 -4.26
C THR B 44 -9.85 8.36 -5.50
N THR B 45 -9.55 7.72 -6.59
CA THR B 45 -10.27 8.04 -7.80
C THR B 45 -11.72 7.51 -7.70
N GLN B 46 -12.63 8.18 -8.39
CA GLN B 46 -14.03 7.81 -8.38
C GLN B 46 -14.57 7.47 -9.76
N ALA B 47 -13.86 7.86 -10.81
CA ALA B 47 -14.22 7.49 -12.18
C ALA B 47 -14.22 5.96 -12.30
N LYS B 48 -15.22 5.43 -12.99
CA LYS B 48 -15.30 4.01 -13.24
C LYS B 48 -14.17 3.64 -14.19
N VAL B 49 -13.28 2.77 -13.71
CA VAL B 49 -12.22 2.20 -14.52
C VAL B 49 -12.34 0.68 -14.45
N SER B 50 -12.48 0.02 -15.60
CA SER B 50 -12.72 -1.44 -15.63
C SER B 50 -11.55 -2.31 -16.13
N ASP B 51 -10.47 -1.67 -16.59
CA ASP B 51 -9.20 -2.34 -16.94
C ASP B 51 -8.10 -1.43 -16.38
N GLN B 52 -7.34 -1.95 -15.42
CA GLN B 52 -6.27 -1.14 -14.84
C GLN B 52 -5.19 -0.81 -15.89
N GLY B 53 -5.06 -1.62 -16.92
CA GLY B 53 -4.11 -1.32 -17.99
C GLY B 53 -4.61 -0.32 -19.03
N ALA B 54 -5.90 0.00 -19.01
CA ALA B 54 -6.48 0.86 -20.04
C ALA B 54 -5.98 2.30 -19.90
N LYS B 55 -5.67 2.94 -21.02
CA LYS B 55 -5.15 4.31 -20.99
C LYS B 55 -6.29 5.28 -20.80
N LEU B 56 -6.25 6.04 -19.70
CA LEU B 56 -7.32 6.97 -19.33
C LEU B 56 -7.17 8.37 -19.91
N GLY B 57 -5.96 8.73 -20.30
CA GLY B 57 -5.69 10.06 -20.83
C GLY B 57 -5.99 10.27 -22.31
N ALA B 58 -5.93 11.53 -22.72
CA ALA B 58 -6.19 11.95 -24.10
C ALA B 58 -5.09 11.47 -25.03
N GLU B 59 -5.43 11.28 -26.31
CA GLU B 59 -4.46 10.78 -27.30
C GLU B 59 -3.56 11.91 -27.86
N GLY B 60 -2.25 11.67 -27.88
CA GLY B 60 -1.31 12.51 -28.62
C GLY B 60 -0.65 13.67 -27.89
N VAL B 61 -1.04 13.91 -26.65
CA VAL B 61 -0.44 14.99 -25.86
C VAL B 61 1.04 14.72 -25.53
N THR B 62 1.91 15.68 -25.83
CA THR B 62 3.36 15.54 -25.61
C THR B 62 3.92 16.40 -24.47
N ASP B 63 3.07 17.18 -23.81
CA ASP B 63 3.49 18.13 -22.76
C ASP B 63 2.68 17.94 -21.50
N ARG B 64 2.21 16.72 -21.28
CA ARG B 64 1.39 16.38 -20.14
C ARG B 64 2.28 16.25 -18.94
N SER B 65 1.76 16.66 -17.80
CA SER B 65 2.46 16.43 -16.54
C SER B 65 1.48 16.35 -15.38
N LEU B 66 1.97 15.78 -14.30
CA LEU B 66 1.27 15.73 -13.01
C LEU B 66 2.11 16.45 -11.97
N THR B 67 1.49 17.30 -11.17
CA THR B 67 2.20 18.00 -10.11
C THR B 67 1.63 17.55 -8.82
N ILE B 68 2.47 17.04 -7.93
CA ILE B 68 2.02 16.66 -6.62
C ILE B 68 2.56 17.63 -5.54
N THR B 69 1.69 18.15 -4.69
CA THR B 69 2.14 18.88 -3.52
C THR B 69 1.88 18.04 -2.28
N ALA B 70 2.91 17.82 -1.48
CA ALA B 70 2.85 16.94 -0.34
C ALA B 70 3.89 17.34 0.69
N GLY B 71 3.57 17.06 1.96
CA GLY B 71 4.54 17.24 3.04
C GLY B 71 4.31 18.41 3.99
N ASN B 72 5.20 18.52 4.96
CA ASN B 72 5.26 19.68 5.84
C ASN B 72 6.69 19.97 6.31
N PRO B 73 7.34 20.99 5.72
CA PRO B 73 6.73 21.95 4.78
C PRO B 73 6.45 21.31 3.47
N PRO B 74 5.60 21.92 2.64
CA PRO B 74 5.18 21.27 1.42
C PRO B 74 6.27 21.37 0.37
N LYS B 75 6.45 20.30 -0.42
CA LYS B 75 7.30 20.37 -1.60
C LYS B 75 6.43 20.10 -2.82
N GLU B 76 6.68 20.78 -3.94
CA GLU B 76 5.97 20.50 -5.20
C GLU B 76 6.83 19.61 -6.06
N THR B 77 6.23 18.59 -6.69
CA THR B 77 6.96 17.75 -7.64
C THR B 77 6.21 17.65 -8.93
N LYS B 78 6.84 18.06 -10.03
CA LYS B 78 6.23 17.98 -11.34
C LYS B 78 6.88 16.84 -12.08
N ILE B 79 6.08 15.88 -12.54
CA ILE B 79 6.61 14.79 -13.36
C ILE B 79 5.87 14.72 -14.68
N PRO B 80 6.58 14.40 -15.76
CA PRO B 80 5.97 14.27 -17.08
C PRO B 80 5.31 12.92 -17.19
N LEU B 81 4.28 12.83 -18.03
CA LEU B 81 3.61 11.58 -18.29
C LEU B 81 3.40 11.40 -19.78
N SER B 82 4.04 10.38 -20.37
CA SER B 82 3.73 9.98 -21.73
C SER B 82 2.33 9.35 -21.79
N ASP B 83 1.76 9.25 -22.98
CA ASP B 83 0.43 8.63 -23.15
C ASP B 83 0.36 7.19 -22.55
N ASP B 84 1.36 6.36 -22.86
CA ASP B 84 1.49 5.03 -22.24
C ASP B 84 1.38 5.06 -20.70
N GLN B 85 1.70 6.20 -20.08
CA GLN B 85 1.73 6.29 -18.64
C GLN B 85 0.43 6.70 -17.98
N THR B 86 -0.65 6.81 -18.74
CA THR B 86 -1.91 7.31 -18.15
C THR B 86 -2.91 6.18 -17.83
N SER B 87 -2.45 4.94 -17.71
CA SER B 87 -3.27 3.87 -17.22
C SER B 87 -3.06 3.85 -15.73
N LEU B 88 -4.01 3.30 -14.97
CA LEU B 88 -3.89 3.30 -13.52
C LEU B 88 -2.58 2.64 -13.14
N VAL B 89 -2.28 1.49 -13.75
CA VAL B 89 -1.07 0.76 -13.38
C VAL B 89 0.19 1.63 -13.59
N GLU B 90 0.27 2.31 -14.71
CA GLU B 90 1.45 3.13 -14.96
C GLU B 90 1.43 4.45 -14.17
N LEU B 91 0.26 5.05 -13.94
CA LEU B 91 0.17 6.23 -13.09
C LEU B 91 0.73 5.93 -11.71
N ARG B 92 0.26 4.84 -11.12
CA ARG B 92 0.77 4.36 -9.85
C ARG B 92 2.29 4.23 -9.90
N ASP B 93 2.79 3.53 -10.91
CA ASP B 93 4.22 3.30 -10.98
C ASP B 93 4.93 4.64 -11.10
N ALA B 94 4.34 5.60 -11.81
CA ALA B 94 4.97 6.95 -11.98
C ALA B 94 5.02 7.74 -10.68
N ILE B 95 3.88 7.85 -10.02
CA ILE B 95 3.76 8.52 -8.74
C ILE B 95 4.73 7.91 -7.72
N ASN B 96 4.85 6.58 -7.69
CA ASN B 96 5.70 5.96 -6.70
C ASN B 96 7.13 6.20 -7.04
N GLY B 97 7.45 6.23 -8.33
CA GLY B 97 8.81 6.50 -8.77
C GLY B 97 9.28 7.89 -8.42
N ALA B 98 8.35 8.81 -8.31
CA ALA B 98 8.69 10.22 -8.09
C ALA B 98 9.34 10.56 -6.74
N LYS B 99 9.20 9.68 -5.74
CA LYS B 99 9.58 9.98 -4.35
C LYS B 99 9.06 11.40 -4.05
N ALA B 100 7.75 11.57 -4.23
CA ALA B 100 7.11 12.87 -4.10
C ALA B 100 6.38 13.05 -2.79
N GLY B 101 6.70 12.29 -1.77
CA GLY B 101 5.96 12.36 -0.51
C GLY B 101 4.55 11.78 -0.49
N VAL B 102 4.18 11.01 -1.49
CA VAL B 102 2.93 10.23 -1.41
C VAL B 102 3.17 8.86 -2.00
N THR B 103 2.31 7.91 -1.67
CA THR B 103 2.44 6.57 -2.19
C THR B 103 1.10 6.17 -2.77
N ALA B 104 1.15 5.43 -3.86
CA ALA B 104 -0.02 5.18 -4.66
C ALA B 104 -0.24 3.68 -4.76
N SER B 105 -1.50 3.27 -4.76
CA SER B 105 -1.81 1.87 -4.88
C SER B 105 -3.20 1.67 -5.43
N ILE B 106 -3.39 0.56 -6.14
CA ILE B 106 -4.63 0.23 -6.83
C ILE B 106 -5.43 -0.75 -6.02
N MET B 107 -6.67 -0.37 -5.74
CA MET B 107 -7.65 -1.21 -5.08
C MET B 107 -8.55 -1.80 -6.14
N ARG B 108 -8.80 -3.09 -6.04
CA ARG B 108 -9.70 -3.78 -6.95
C ARG B 108 -11.01 -4.00 -6.21
N VAL B 109 -11.92 -3.05 -6.36
CA VAL B 109 -13.21 -3.12 -5.69
C VAL B 109 -13.95 -4.38 -6.08
N GLY B 110 -13.89 -4.73 -7.36
CA GLY B 110 -14.41 -5.99 -7.86
C GLY B 110 -13.92 -6.26 -9.26
N ASP B 111 -14.44 -7.30 -9.87
CA ASP B 111 -14.21 -7.55 -11.29
C ASP B 111 -14.50 -6.25 -12.05
N ASN B 112 -13.59 -5.88 -12.94
CA ASN B 112 -13.82 -4.72 -13.80
C ASN B 112 -14.21 -3.45 -13.02
N ASP B 113 -13.63 -3.24 -11.84
CA ASP B 113 -13.89 -2.03 -11.05
C ASP B 113 -12.67 -1.68 -10.18
N TYR B 114 -11.88 -0.73 -10.67
CA TYR B 114 -10.59 -0.40 -10.08
C TYR B 114 -10.55 1.03 -9.60
N GLN B 115 -9.80 1.29 -8.52
CA GLN B 115 -9.57 2.65 -8.04
C GLN B 115 -8.11 2.84 -7.67
N LEU B 116 -7.59 4.02 -7.97
CA LEU B 116 -6.24 4.41 -7.59
C LEU B 116 -6.28 5.20 -6.30
N ALA B 117 -5.44 4.86 -5.34
CA ALA B 117 -5.43 5.55 -4.05
C ALA B 117 -4.08 6.25 -3.85
N VAL B 118 -4.12 7.54 -3.57
CA VAL B 118 -2.90 8.29 -3.33
C VAL B 118 -2.92 8.74 -1.86
N SER B 119 -1.94 8.32 -1.09
CA SER B 119 -1.91 8.56 0.36
C SER B 119 -0.65 9.28 0.74
N SER B 120 -0.77 10.36 1.53
CA SER B 120 0.40 11.03 2.05
C SER B 120 1.34 10.03 2.68
N SER B 121 2.64 10.30 2.56
CA SER B 121 3.68 9.45 3.17
C SER B 121 3.92 9.79 4.61
N THR B 122 3.34 10.91 5.06
CA THR B 122 3.59 11.41 6.40
C THR B 122 2.25 11.74 6.98
N THR B 123 2.03 11.31 8.22
CA THR B 123 0.80 11.62 8.91
C THR B 123 0.84 13.07 9.39
N GLY B 124 -0.33 13.58 9.79
CA GLY B 124 -0.47 14.96 10.29
C GLY B 124 -1.71 15.71 9.81
N GLU B 125 -2.23 16.59 10.65
CA GLU B 125 -3.37 17.44 10.31
C GLU B 125 -2.99 18.36 9.17
N ASN B 126 -1.72 18.73 9.11
CA ASN B 126 -1.21 19.72 8.16
C ASN B 126 -0.38 19.11 7.06
N ASN B 127 -0.57 17.84 6.79
CA ASN B 127 0.18 17.18 5.76
C ASN B 127 -0.73 16.82 4.63
N LYS B 128 -1.30 17.82 3.94
CA LYS B 128 -2.32 17.53 2.93
C LYS B 128 -1.73 17.41 1.53
N ILE B 129 -2.43 16.73 0.65
CA ILE B 129 -1.99 16.53 -0.73
C ILE B 129 -2.81 17.36 -1.69
N SER B 130 -2.18 17.80 -2.77
CA SER B 130 -2.92 18.30 -3.91
C SER B 130 -2.36 17.59 -5.15
N LEU B 131 -3.15 17.58 -6.21
CA LEU B 131 -2.76 16.97 -7.47
C LEU B 131 -3.27 17.87 -8.58
N GLN B 132 -2.49 18.09 -9.61
CA GLN B 132 -2.89 18.98 -10.69
C GLN B 132 -2.27 18.42 -11.93
N VAL B 133 -3.11 18.10 -12.91
CA VAL B 133 -2.62 17.65 -14.21
C VAL B 133 -2.53 18.87 -15.10
N ASP B 134 -1.48 18.99 -15.89
CA ASP B 134 -1.38 20.10 -16.83
C ASP B 134 -1.37 19.52 -18.23
N ASN B 135 -2.10 20.17 -19.12
CA ASN B 135 -2.25 19.74 -20.52
C ASN B 135 -3.09 18.48 -20.81
N ASP B 136 -3.95 18.05 -19.87
CA ASP B 136 -4.85 16.87 -20.11
C ASP B 136 -6.13 16.88 -19.26
N ASP B 137 -7.02 17.80 -19.62
CA ASP B 137 -8.33 18.02 -18.98
C ASP B 137 -9.08 16.72 -18.66
N GLN B 138 -8.99 15.73 -19.53
CA GLN B 138 -9.62 14.41 -19.32
C GLN B 138 -9.01 13.64 -18.15
N LEU B 139 -7.68 13.51 -18.16
CA LEU B 139 -7.02 12.80 -17.08
C LEU B 139 -7.19 13.62 -15.84
N GLY B 140 -7.14 14.95 -15.97
CA GLY B 140 -7.39 15.86 -14.85
C GLY B 140 -8.71 15.61 -14.14
N ASP B 141 -9.77 15.36 -14.93
CA ASP B 141 -11.10 15.04 -14.39
C ASP B 141 -11.16 13.74 -13.60
N ILE B 142 -10.06 12.99 -13.61
CA ILE B 142 -9.94 11.79 -12.81
C ILE B 142 -9.02 12.07 -11.63
N LEU B 143 -7.88 12.76 -11.86
CA LEU B 143 -6.84 12.94 -10.83
C LEU B 143 -6.85 14.24 -10.03
N ASN B 144 -7.10 15.38 -10.66
CA ASN B 144 -7.01 16.67 -9.98
C ASN B 144 -7.69 16.69 -8.63
N TYR B 145 -7.00 17.21 -7.62
CA TYR B 145 -7.54 17.40 -6.28
C TYR B 145 -6.98 18.68 -5.66
N ASN B 146 -7.83 19.60 -5.23
CA ASN B 146 -7.37 20.81 -4.54
C ASN B 146 -8.32 21.32 -3.43
N ALA B 147 -8.72 22.58 -3.41
CA ALA B 147 -9.59 22.99 -2.30
C ALA B 147 -11.04 22.85 -2.74
N THR B 148 -11.34 23.36 -3.93
CA THR B 148 -12.71 23.31 -4.49
C THR B 148 -12.96 22.01 -5.32
N ARG B 149 -14.02 21.31 -4.90
CA ARG B 149 -14.60 20.14 -5.58
C ARG B 149 -16.02 20.47 -6.06
N GLY B 152 -18.94 14.88 -8.94
CA GLY B 152 -19.43 13.56 -8.50
C GLY B 152 -18.35 12.48 -8.58
N THR B 153 -17.64 12.52 -9.69
CA THR B 153 -16.74 11.46 -10.05
C THR B 153 -15.32 12.00 -10.16
N ALA B 154 -14.99 12.98 -9.31
CA ALA B 154 -13.64 13.56 -9.23
C ALA B 154 -12.89 12.93 -8.10
N MET B 155 -11.59 13.16 -8.06
CA MET B 155 -10.76 12.60 -7.00
C MET B 155 -11.34 13.05 -5.67
N LYS B 156 -11.29 12.16 -4.69
CA LYS B 156 -11.99 12.37 -3.44
C LYS B 156 -11.15 11.99 -2.22
N GLN B 157 -11.21 12.79 -1.18
CA GLN B 157 -10.60 12.43 0.08
C GLN B 157 -11.41 11.32 0.71
N THR B 158 -10.73 10.27 1.14
CA THR B 158 -11.38 9.14 1.79
C THR B 158 -10.79 8.82 3.15
N VAL B 159 -9.61 9.36 3.43
CA VAL B 159 -9.10 9.41 4.81
C VAL B 159 -8.62 10.82 5.09
N ALA B 160 -9.04 11.34 6.24
CA ALA B 160 -8.75 12.72 6.63
C ALA B 160 -7.43 12.75 7.36
N PRO B 161 -6.62 13.78 7.13
CA PRO B 161 -5.41 13.92 7.90
C PRO B 161 -5.72 14.25 9.31
N GLN B 162 -4.97 13.71 10.25
CA GLN B 162 -5.08 14.18 11.62
C GLN B 162 -3.84 13.96 12.45
N ASP B 163 -3.67 14.82 13.46
CA ASP B 163 -2.61 14.67 14.44
C ASP B 163 -2.99 13.58 15.44
N ALA B 164 -2.03 13.14 16.23
CA ALA B 164 -2.28 12.33 17.41
C ALA B 164 -2.64 13.27 18.50
N GLU B 165 -3.71 12.99 19.21
CA GLU B 165 -4.02 13.68 20.46
C GLU B 165 -3.88 12.58 21.51
N LEU B 166 -3.08 12.80 22.53
CA LEU B 166 -3.10 11.98 23.74
C LEU B 166 -2.90 12.86 24.96
N THR B 167 -3.29 12.37 26.14
CA THR B 167 -3.05 13.09 27.39
C THR B 167 -2.18 12.28 28.33
N VAL B 168 -1.19 12.95 28.92
CA VAL B 168 -0.24 12.33 29.85
C VAL B 168 -0.34 13.04 31.19
N ASN B 169 -0.83 12.30 32.18
CA ASN B 169 -1.19 12.84 33.50
C ASN B 169 -2.10 14.06 33.46
N GLY B 170 -3.14 13.97 32.65
CA GLY B 170 -4.14 15.03 32.54
C GLY B 170 -3.77 16.17 31.61
N THR B 171 -2.58 16.12 31.01
CA THR B 171 -2.10 17.21 30.17
C THR B 171 -2.17 16.83 28.71
N ALA B 172 -2.91 17.62 27.93
CA ALA B 172 -3.12 17.33 26.52
C ALA B 172 -1.89 17.63 25.62
N ILE B 173 -1.55 16.64 24.78
CA ILE B 173 -0.42 16.70 23.85
C ILE B 173 -0.95 16.40 22.45
N LYS B 174 -0.55 17.21 21.48
CA LYS B 174 -0.93 17.01 20.08
C LYS B 174 0.35 16.90 19.27
N ARG B 175 0.43 15.88 18.43
CA ARG B 175 1.59 15.66 17.54
C ARG B 175 1.17 15.08 16.21
N SER B 176 2.00 15.25 15.20
CA SER B 176 1.71 14.83 13.84
C SER B 176 2.10 13.38 13.54
N THR B 177 2.82 12.73 14.45
CA THR B 177 3.14 11.33 14.23
C THR B 177 2.63 10.52 15.39
N ASN B 178 2.68 9.21 15.24
CA ASN B 178 2.25 8.29 16.27
C ASN B 178 3.40 7.80 17.09
N SER B 179 4.61 8.22 16.73
CA SER B 179 5.77 8.02 17.59
C SER B 179 6.13 9.33 18.35
N ILE B 180 5.46 9.54 19.48
CA ILE B 180 5.69 10.70 20.34
C ILE B 180 6.91 10.51 21.26
N SER B 181 8.02 11.16 20.93
CA SER B 181 9.24 11.10 21.72
C SER B 181 9.79 12.46 22.15
N ASP B 182 9.09 13.55 21.82
CA ASP B 182 9.53 14.91 22.15
C ASP B 182 8.59 15.54 23.20
N ALA B 183 8.00 14.73 24.07
CA ALA B 183 6.99 15.20 25.06
C ALA B 183 7.46 15.04 26.51
N LEU B 184 7.65 13.79 26.91
CA LEU B 184 8.06 13.43 28.25
C LEU B 184 9.55 13.13 28.25
N GLN B 185 10.22 13.54 29.32
CA GLN B 185 11.67 13.43 29.43
C GLN B 185 12.16 11.97 29.45
N GLY B 186 12.79 11.55 28.37
CA GLY B 186 13.33 10.19 28.31
C GLY B 186 12.28 9.09 28.16
N VAL B 187 11.19 9.42 27.49
CA VAL B 187 10.17 8.43 27.20
C VAL B 187 9.75 8.60 25.75
N THR B 188 9.60 7.49 25.05
CA THR B 188 8.91 7.48 23.75
C THR B 188 7.58 6.75 23.95
N ILE B 189 6.54 7.25 23.32
CA ILE B 189 5.27 6.53 23.28
C ILE B 189 4.90 6.26 21.82
N ASP B 190 4.98 5.01 21.41
CA ASP B 190 4.56 4.63 20.07
C ASP B 190 3.10 4.22 20.19
N LEU B 191 2.22 5.05 19.64
CA LEU B 191 0.79 4.82 19.76
C LEU B 191 0.32 3.70 18.85
N LYS B 192 -0.47 2.79 19.39
CA LYS B 192 -0.99 1.65 18.64
C LYS B 192 -2.50 1.81 18.42
N THR B 193 -3.23 2.28 19.42
CA THR B 193 -4.67 2.50 19.27
C THR B 193 -5.23 3.43 20.36
N LYS B 194 -6.47 3.90 20.16
CA LYS B 194 -7.21 4.66 21.18
C LYS B 194 -7.36 3.88 22.49
N THR B 195 -7.65 4.60 23.57
CA THR B 195 -8.04 4.01 24.85
C THR B 195 -9.53 4.24 25.06
N LYS B 196 -10.19 3.35 25.82
CA LYS B 196 -11.66 3.43 26.01
C LYS B 196 -12.08 4.78 26.61
N THR B 197 -13.32 5.18 26.33
CA THR B 197 -13.88 6.47 26.75
C THR B 197 -13.56 6.88 28.21
N ASP B 198 -14.12 6.18 29.20
CA ASP B 198 -13.95 6.58 30.60
C ASP B 198 -12.87 5.75 31.29
N GLU B 199 -11.71 5.61 30.63
CA GLU B 199 -10.73 4.59 31.05
C GLU B 199 -9.30 4.80 30.52
N PRO B 200 -8.58 5.79 31.06
CA PRO B 200 -7.16 5.95 30.74
C PRO B 200 -6.36 4.74 31.17
N GLN B 201 -5.29 4.42 30.46
CA GLN B 201 -4.49 3.26 30.78
C GLN B 201 -3.51 3.65 31.88
N HIS B 202 -3.67 3.05 33.05
CA HIS B 202 -2.79 3.31 34.18
C HIS B 202 -1.47 2.57 33.92
N LEU B 203 -0.37 3.32 33.88
CA LEU B 203 0.95 2.71 33.76
C LEU B 203 1.86 3.09 34.96
N VAL B 204 2.97 2.36 35.11
CA VAL B 204 3.98 2.57 36.16
C VAL B 204 5.41 2.37 35.63
N ILE B 205 6.23 3.41 35.68
CA ILE B 205 7.64 3.34 35.27
C ILE B 205 8.48 2.94 36.49
N ASP C 15 38.39 -8.18 -12.67
CA ASP C 15 39.40 -7.12 -12.31
C ASP C 15 39.01 -5.71 -12.74
N ALA C 16 38.47 -5.57 -13.96
CA ALA C 16 37.88 -4.31 -14.42
C ALA C 16 36.36 -4.34 -14.34
N PHE C 17 35.79 -5.48 -13.99
CA PHE C 17 34.36 -5.60 -13.79
C PHE C 17 34.06 -6.91 -13.08
N LYS C 18 32.84 -7.04 -12.56
CA LYS C 18 32.37 -8.29 -12.00
C LYS C 18 31.30 -8.81 -12.99
N ILE C 19 31.15 -10.14 -13.08
CA ILE C 19 30.17 -10.77 -13.95
C ILE C 19 29.32 -11.76 -13.19
N THR C 20 28.03 -11.48 -13.02
CA THR C 20 27.08 -12.46 -12.45
C THR C 20 26.31 -13.10 -13.62
N THR C 21 25.91 -14.36 -13.43
CA THR C 21 25.36 -15.20 -14.51
C THR C 21 24.00 -15.82 -14.15
N ASN C 22 23.11 -15.92 -15.13
CA ASN C 22 21.80 -16.56 -14.96
C ASN C 22 21.75 -17.89 -15.72
N ALA C 23 20.59 -18.56 -15.72
CA ALA C 23 20.39 -19.80 -16.47
C ALA C 23 20.41 -19.61 -17.99
N LYS C 24 20.04 -18.42 -18.46
CA LYS C 24 19.94 -18.11 -19.89
C LYS C 24 21.29 -17.83 -20.58
N ALA C 25 22.37 -17.71 -19.81
CA ALA C 25 23.70 -17.46 -20.37
C ALA C 25 24.17 -18.57 -21.32
N VAL C 26 24.81 -18.17 -22.42
CA VAL C 26 25.37 -19.11 -23.36
C VAL C 26 26.87 -19.21 -23.11
N PRO C 27 27.34 -20.37 -22.64
CA PRO C 27 28.76 -20.55 -22.37
C PRO C 27 29.64 -20.43 -23.61
N GLY C 28 30.75 -19.71 -23.44
CA GLY C 28 31.71 -19.51 -24.53
C GLY C 28 32.85 -18.58 -24.13
N ASN C 29 33.64 -18.20 -25.13
CA ASN C 29 34.74 -17.25 -24.97
C ASN C 29 34.30 -15.82 -25.28
N TYR C 30 34.59 -14.90 -24.35
CA TYR C 30 34.21 -13.49 -24.50
C TYR C 30 35.44 -12.62 -24.27
N VAL C 31 35.59 -11.58 -25.09
CA VAL C 31 36.58 -10.56 -24.84
C VAL C 31 35.85 -9.25 -24.60
N VAL C 32 36.20 -8.58 -23.50
CA VAL C 32 35.49 -7.37 -23.07
C VAL C 32 36.42 -6.17 -23.04
N GLU C 33 36.01 -5.06 -23.66
CA GLU C 33 36.69 -3.78 -23.48
C GLU C 33 35.74 -2.93 -22.67
N VAL C 34 36.20 -2.30 -21.59
CA VAL C 34 35.45 -1.25 -20.90
C VAL C 34 36.17 0.03 -21.27
N ASN C 35 35.49 0.94 -21.95
CA ASN C 35 36.14 2.18 -22.47
C ASN C 35 35.78 3.46 -21.70
N LYS C 36 34.55 3.52 -21.18
CA LYS C 36 34.12 4.60 -20.30
C LYS C 36 33.20 4.04 -19.23
N LEU C 37 33.26 4.60 -18.03
CA LEU C 37 32.27 4.33 -17.00
C LEU C 37 31.23 5.44 -16.93
N ALA C 38 30.01 5.08 -16.59
CA ALA C 38 28.95 6.06 -16.40
C ALA C 38 29.30 6.90 -15.21
N GLN C 39 29.15 8.23 -15.35
CA GLN C 39 29.38 9.15 -14.27
C GLN C 39 28.12 9.91 -13.99
N ALA C 40 27.98 10.42 -12.76
CA ALA C 40 26.91 11.33 -12.35
C ALA C 40 27.42 12.76 -12.34
N GLN C 41 26.70 13.65 -12.99
CA GLN C 41 27.02 15.06 -12.92
C GLN C 41 27.16 15.52 -11.50
N THR C 42 28.15 16.36 -11.25
CA THR C 42 28.27 17.02 -9.96
C THR C 42 28.53 18.49 -10.14
N LEU C 43 27.79 19.26 -9.35
CA LEU C 43 27.93 20.70 -9.27
C LEU C 43 28.56 21.01 -7.93
N THR C 44 29.27 22.13 -7.83
CA THR C 44 29.93 22.51 -6.57
C THR C 44 30.03 24.00 -6.40
N THR C 45 29.74 24.47 -5.21
CA THR C 45 29.74 25.89 -4.96
C THR C 45 31.16 26.41 -5.06
N GLN C 46 31.29 27.68 -5.45
CA GLN C 46 32.60 28.34 -5.58
C GLN C 46 32.74 29.58 -4.68
N ALA C 47 31.63 30.12 -4.18
CA ALA C 47 31.68 31.22 -3.24
C ALA C 47 32.50 30.78 -2.05
N LYS C 48 33.33 31.67 -1.51
CA LYS C 48 34.08 31.38 -0.30
C LYS C 48 33.08 31.33 0.83
N VAL C 49 33.04 30.20 1.54
CA VAL C 49 32.26 30.06 2.76
C VAL C 49 33.19 29.58 3.85
N SER C 50 33.29 30.29 4.96
CA SER C 50 34.25 29.93 6.02
C SER C 50 33.66 29.35 7.31
N ASP C 51 32.32 29.34 7.41
CA ASP C 51 31.57 28.68 8.50
C ASP C 51 30.43 27.98 7.79
N GLN C 52 30.38 26.66 7.93
CA GLN C 52 29.30 25.87 7.30
C GLN C 52 27.95 26.16 7.96
N GLY C 53 27.95 26.64 9.21
CA GLY C 53 26.73 27.04 9.85
C GLY C 53 26.24 28.44 9.53
N ALA C 54 27.07 29.25 8.86
CA ALA C 54 26.74 30.64 8.61
C ALA C 54 25.61 30.74 7.61
N LYS C 55 24.69 31.67 7.83
CA LYS C 55 23.54 31.82 6.91
C LYS C 55 23.97 32.63 5.72
N LEU C 56 23.84 32.05 4.53
CA LEU C 56 24.34 32.68 3.30
C LEU C 56 23.29 33.53 2.61
N GLY C 57 22.03 33.32 2.94
CA GLY C 57 20.93 34.03 2.28
C GLY C 57 20.61 35.39 2.85
N ALA C 58 19.74 36.11 2.12
CA ALA C 58 19.27 37.42 2.50
C ALA C 58 18.36 37.32 3.72
N GLU C 59 18.30 38.40 4.50
CA GLU C 59 17.51 38.44 5.75
C GLU C 59 16.05 38.78 5.47
N GLY C 60 15.14 37.99 6.05
CA GLY C 60 13.71 38.35 6.11
C GLY C 60 12.80 37.84 5.00
N VAL C 61 13.36 37.18 4.00
CA VAL C 61 12.56 36.67 2.90
C VAL C 61 11.66 35.54 3.39
N THR C 62 10.37 35.61 3.06
CA THR C 62 9.40 34.59 3.49
C THR C 62 8.86 33.70 2.36
N ASP C 63 9.29 33.95 1.12
CA ASP C 63 8.79 33.22 -0.06
C ASP C 63 9.94 32.64 -0.88
N ARG C 64 11.01 32.26 -0.18
CA ARG C 64 12.20 31.74 -0.82
C ARG C 64 11.97 30.31 -1.15
N SER C 65 12.49 29.86 -2.28
CA SER C 65 12.48 28.46 -2.62
C SER C 65 13.64 28.08 -3.49
N LEU C 66 13.90 26.79 -3.54
CA LEU C 66 14.88 26.19 -4.44
C LEU C 66 14.14 25.18 -5.30
N THR C 67 14.43 25.16 -6.58
CA THR C 67 13.83 24.21 -7.48
C THR C 67 14.94 23.39 -8.05
N ILE C 68 14.83 22.08 -7.92
CA ILE C 68 15.82 21.20 -8.51
C ILE C 68 15.21 20.48 -9.68
N THR C 69 15.91 20.46 -10.81
CA THR C 69 15.54 19.55 -11.91
C THR C 69 16.61 18.48 -12.07
N ALA C 70 16.17 17.23 -12.01
CA ALA C 70 17.06 16.08 -12.01
C ALA C 70 16.35 14.85 -12.60
N GLY C 71 17.11 13.98 -13.24
CA GLY C 71 16.56 12.70 -13.68
C GLY C 71 16.41 12.50 -15.18
N ASN C 72 16.04 11.30 -15.56
CA ASN C 72 15.68 11.01 -16.95
C ASN C 72 14.55 9.96 -17.05
N PRO C 73 13.31 10.41 -17.35
CA PRO C 73 12.95 11.80 -17.67
C PRO C 73 13.09 12.72 -16.47
N PRO C 74 13.22 14.03 -16.72
CA PRO C 74 13.46 14.97 -15.65
C PRO C 74 12.21 15.23 -14.81
N LYS C 75 12.38 15.36 -13.51
CA LYS C 75 11.29 15.78 -12.64
C LYS C 75 11.73 17.08 -11.96
N GLU C 76 10.83 18.06 -11.81
CA GLU C 76 11.17 19.31 -11.11
C GLU C 76 10.72 19.19 -9.67
N THR C 77 11.52 19.62 -8.70
CA THR C 77 11.07 19.66 -7.31
C THR C 77 11.30 21.02 -6.74
N LYS C 78 10.25 21.65 -6.23
CA LYS C 78 10.35 22.97 -5.59
C LYS C 78 10.20 22.81 -4.11
N ILE C 79 11.21 23.23 -3.35
CA ILE C 79 11.13 23.21 -1.89
C ILE C 79 11.31 24.63 -1.33
N PRO C 80 10.50 24.97 -0.31
CA PRO C 80 10.71 26.23 0.39
C PRO C 80 11.96 26.16 1.26
N LEU C 81 12.50 27.35 1.56
CA LEU C 81 13.62 27.48 2.47
C LEU C 81 13.38 28.66 3.42
N SER C 82 13.28 28.40 4.70
CA SER C 82 13.34 29.47 5.68
C SER C 82 14.76 30.06 5.77
N ASP C 83 14.88 31.25 6.36
CA ASP C 83 16.21 31.89 6.52
C ASP C 83 17.20 31.00 7.26
N ASP C 84 16.76 30.39 8.36
CA ASP C 84 17.56 29.38 9.07
C ASP C 84 18.08 28.29 8.17
N GLN C 85 17.44 28.05 7.04
CA GLN C 85 17.84 26.97 6.15
C GLN C 85 18.82 27.35 5.08
N THR C 86 19.40 28.55 5.13
CA THR C 86 20.28 28.97 4.05
C THR C 86 21.76 28.89 4.42
N SER C 87 22.10 28.10 5.43
CA SER C 87 23.50 27.79 5.71
C SER C 87 23.85 26.54 4.92
N LEU C 88 25.14 26.30 4.64
CA LEU C 88 25.50 25.10 3.87
C LEU C 88 24.99 23.84 4.55
N VAL C 89 25.14 23.76 5.86
CA VAL C 89 24.70 22.57 6.56
C VAL C 89 23.19 22.35 6.37
N GLU C 90 22.39 23.41 6.51
CA GLU C 90 20.95 23.24 6.39
C GLU C 90 20.48 23.13 4.94
N LEU C 91 21.18 23.75 4.00
CA LEU C 91 20.87 23.54 2.59
C LEU C 91 21.04 22.08 2.23
N ARG C 92 22.20 21.53 2.54
CA ARG C 92 22.44 20.11 2.37
C ARG C 92 21.32 19.27 2.98
N ASP C 93 21.02 19.50 4.24
CA ASP C 93 19.98 18.71 4.88
C ASP C 93 18.67 18.86 4.11
N ALA C 94 18.38 20.06 3.61
CA ALA C 94 17.14 20.34 2.88
C ALA C 94 17.10 19.59 1.56
N ILE C 95 18.10 19.79 0.73
CA ILE C 95 18.21 19.10 -0.53
C ILE C 95 18.12 17.57 -0.35
N ASN C 96 18.76 17.02 0.67
CA ASN C 96 18.72 15.57 0.86
C ASN C 96 17.35 15.13 1.28
N GLY C 97 16.69 15.93 2.09
CA GLY C 97 15.32 15.59 2.53
C GLY C 97 14.28 15.57 1.41
N ALA C 98 14.55 16.32 0.34
CA ALA C 98 13.61 16.47 -0.74
C ALA C 98 13.42 15.19 -1.56
N LYS C 99 14.34 14.24 -1.49
CA LYS C 99 14.32 13.07 -2.38
C LYS C 99 14.02 13.62 -3.76
N ALA C 100 14.88 14.54 -4.20
CA ALA C 100 14.70 15.21 -5.47
C ALA C 100 15.58 14.67 -6.59
N GLY C 101 16.08 13.44 -6.49
CA GLY C 101 17.03 12.93 -7.48
C GLY C 101 18.42 13.52 -7.50
N VAL C 102 18.85 14.18 -6.44
CA VAL C 102 20.26 14.54 -6.28
C VAL C 102 20.63 14.38 -4.82
N THR C 103 21.91 14.25 -4.54
CA THR C 103 22.37 14.13 -3.17
C THR C 103 23.40 15.20 -2.95
N ALA C 104 23.45 15.73 -1.73
CA ALA C 104 24.26 16.90 -1.41
C ALA C 104 25.19 16.60 -0.27
N SER C 105 26.42 17.09 -0.35
CA SER C 105 27.38 16.88 0.70
C SER C 105 28.38 18.03 0.74
N ILE C 106 28.93 18.25 1.93
CA ILE C 106 29.85 19.38 2.19
C ILE C 106 31.27 18.88 2.25
N MET C 107 32.11 19.49 1.43
CA MET C 107 33.54 19.24 1.42
C MET C 107 34.20 20.33 2.21
N ARG C 108 35.12 19.94 3.07
CA ARG C 108 35.91 20.89 3.83
C ARG C 108 37.28 20.95 3.18
N VAL C 109 37.44 21.90 2.27
CA VAL C 109 38.71 22.07 1.54
C VAL C 109 39.84 22.36 2.53
N GLY C 110 39.54 23.18 3.51
CA GLY C 110 40.43 23.39 4.62
C GLY C 110 39.76 24.13 5.77
N ASP C 111 40.56 24.48 6.76
CA ASP C 111 40.09 25.35 7.82
C ASP C 111 39.38 26.55 7.16
N ASN C 112 38.18 26.85 7.63
CA ASN C 112 37.48 28.03 7.16
C ASN C 112 37.36 28.11 5.63
N ASP C 113 37.14 26.97 4.95
CA ASP C 113 36.93 26.93 3.51
C ASP C 113 36.06 25.72 3.16
N TYR C 114 34.79 25.96 2.92
CA TYR C 114 33.82 24.90 2.73
C TYR C 114 33.16 25.01 1.37
N GLN C 115 32.75 23.86 0.81
CA GLN C 115 32.02 23.84 -0.46
C GLN C 115 30.89 22.84 -0.42
N LEU C 116 29.76 23.20 -1.00
CA LEU C 116 28.62 22.30 -1.11
C LEU C 116 28.66 21.61 -2.47
N ALA C 117 28.46 20.30 -2.47
CA ALA C 117 28.49 19.52 -3.71
C ALA C 117 27.13 18.90 -3.91
N VAL C 118 26.52 19.14 -5.07
CA VAL C 118 25.25 18.52 -5.43
C VAL C 118 25.51 17.60 -6.61
N SER C 119 25.18 16.32 -6.44
CA SER C 119 25.50 15.31 -7.44
C SER C 119 24.24 14.61 -7.86
N SER C 120 24.03 14.44 -9.16
CA SER C 120 22.90 13.62 -9.63
C SER C 120 22.87 12.25 -8.92
N SER C 121 21.67 11.73 -8.66
CA SER C 121 21.53 10.41 -8.04
C SER C 121 21.64 9.32 -9.05
N THR C 122 21.60 9.68 -10.33
CA THR C 122 21.58 8.69 -11.41
C THR C 122 22.63 9.08 -12.42
N THR C 123 23.43 8.12 -12.84
CA THR C 123 24.44 8.37 -13.81
C THR C 123 23.79 8.51 -15.19
N GLY C 124 24.56 9.00 -16.16
CA GLY C 124 24.07 9.14 -17.53
C GLY C 124 24.48 10.44 -18.19
N GLU C 125 24.68 10.39 -19.51
CA GLU C 125 25.01 11.57 -20.31
C GLU C 125 23.87 12.54 -20.34
N ASN C 126 22.66 12.03 -20.18
CA ASN C 126 21.44 12.84 -20.22
C ASN C 126 20.78 12.96 -18.88
N ASN C 127 21.53 12.86 -17.81
CA ASN C 127 20.98 13.02 -16.49
C ASN C 127 21.60 14.25 -15.86
N LYS C 128 21.20 15.42 -16.36
CA LYS C 128 21.81 16.66 -15.89
C LYS C 128 20.95 17.30 -14.83
N ILE C 129 21.57 18.14 -14.00
CA ILE C 129 20.89 18.87 -12.95
C ILE C 129 20.76 20.34 -13.35
N SER C 130 19.72 20.96 -12.84
CA SER C 130 19.65 22.40 -12.80
C SER C 130 19.23 22.81 -11.39
N LEU C 131 19.55 24.06 -11.01
CA LEU C 131 19.15 24.60 -9.73
C LEU C 131 18.72 26.03 -9.93
N GLN C 132 17.64 26.44 -9.27
CA GLN C 132 17.13 27.79 -9.43
C GLN C 132 16.56 28.20 -8.12
N VAL C 133 17.09 29.27 -7.56
CA VAL C 133 16.53 29.85 -6.34
C VAL C 133 15.52 30.92 -6.76
N ASP C 134 14.36 30.95 -6.11
CA ASP C 134 13.37 32.01 -6.38
C ASP C 134 13.25 32.90 -5.13
N ASN C 135 13.17 34.20 -5.36
CA ASN C 135 13.07 35.20 -4.29
C ASN C 135 14.29 35.45 -3.41
N ASP C 136 15.49 35.08 -3.86
CA ASP C 136 16.70 35.40 -3.09
C ASP C 136 17.95 35.36 -3.96
N ASP C 137 18.36 36.52 -4.46
CA ASP C 137 19.48 36.60 -5.38
C ASP C 137 20.80 36.33 -4.70
N GLN C 138 20.95 36.78 -3.45
CA GLN C 138 22.18 36.51 -2.73
C GLN C 138 22.50 35.01 -2.76
N LEU C 139 21.49 34.21 -2.46
CA LEU C 139 21.66 32.77 -2.38
C LEU C 139 21.72 32.16 -3.79
N GLY C 140 20.98 32.76 -4.71
CA GLY C 140 21.02 32.36 -6.11
C GLY C 140 22.43 32.44 -6.68
N ASP C 141 23.13 33.53 -6.37
CA ASP C 141 24.50 33.75 -6.86
C ASP C 141 25.46 32.71 -6.32
N ILE C 142 25.00 31.87 -5.41
CA ILE C 142 25.82 30.78 -4.89
C ILE C 142 25.36 29.42 -5.45
N LEU C 143 24.03 29.23 -5.53
CA LEU C 143 23.46 27.96 -5.96
C LEU C 143 23.08 27.85 -7.44
N ASN C 144 22.44 28.86 -8.02
CA ASN C 144 21.87 28.76 -9.36
C ASN C 144 22.79 28.09 -10.36
N TYR C 145 22.27 27.12 -11.11
CA TYR C 145 23.00 26.46 -12.18
C TYR C 145 22.09 26.06 -13.33
N ASN C 146 22.40 26.48 -14.56
CA ASN C 146 21.52 26.16 -15.73
C ASN C 146 22.23 26.03 -17.09
N THR C 153 32.52 32.92 -9.62
CA THR C 153 32.22 32.36 -8.30
C THR C 153 30.78 31.82 -8.21
N ALA C 154 30.27 31.32 -9.35
CA ALA C 154 28.94 30.75 -9.47
C ALA C 154 29.05 29.25 -9.39
N MET C 155 27.92 28.58 -9.13
CA MET C 155 27.92 27.11 -9.05
C MET C 155 28.50 26.58 -10.32
N LYS C 156 29.30 25.53 -10.20
CA LYS C 156 30.11 25.02 -11.28
C LYS C 156 30.07 23.49 -11.41
N GLN C 157 30.02 23.01 -12.65
CA GLN C 157 30.13 21.58 -12.90
C GLN C 157 31.54 21.18 -12.65
N THR C 158 31.73 20.15 -11.85
CA THR C 158 33.06 19.60 -11.56
C THR C 158 33.18 18.12 -11.95
N VAL C 159 32.07 17.43 -12.14
CA VAL C 159 32.09 16.12 -12.78
C VAL C 159 31.05 16.15 -13.87
N ALA C 160 31.44 15.71 -15.06
CA ALA C 160 30.56 15.70 -16.22
C ALA C 160 29.75 14.40 -16.25
N PRO C 161 28.47 14.49 -16.60
CA PRO C 161 27.74 13.28 -16.87
C PRO C 161 28.29 12.50 -18.06
N GLN C 162 28.37 11.17 -17.98
CA GLN C 162 28.62 10.32 -19.17
C GLN C 162 28.05 8.92 -19.04
N ASP C 163 27.73 8.30 -20.17
CA ASP C 163 27.29 6.91 -20.25
C ASP C 163 28.48 5.96 -20.09
N ALA C 164 28.20 4.69 -19.82
CA ALA C 164 29.21 3.64 -19.88
C ALA C 164 29.32 3.25 -21.34
N GLU C 165 30.53 3.15 -21.85
CA GLU C 165 30.76 2.55 -23.14
C GLU C 165 31.60 1.31 -22.83
N LEU C 166 31.14 0.14 -23.28
CA LEU C 166 31.98 -1.07 -23.25
C LEU C 166 31.70 -1.87 -24.50
N THR C 167 32.65 -2.73 -24.90
CA THR C 167 32.45 -3.61 -26.05
C THR C 167 32.50 -5.09 -25.61
N VAL C 168 31.54 -5.86 -26.13
CA VAL C 168 31.40 -7.27 -25.81
C VAL C 168 31.52 -8.07 -27.09
N ASN C 169 32.61 -8.84 -27.20
CA ASN C 169 33.01 -9.52 -28.44
C ASN C 169 33.04 -8.62 -29.68
N GLY C 170 33.67 -7.46 -29.53
CA GLY C 170 33.85 -6.52 -30.63
C GLY C 170 32.65 -5.62 -30.89
N THR C 171 31.57 -5.78 -30.14
CA THR C 171 30.34 -5.01 -30.39
C THR C 171 30.14 -3.93 -29.33
N ALA C 172 30.07 -2.68 -29.75
CA ALA C 172 29.98 -1.55 -28.82
C ALA C 172 28.58 -1.39 -28.26
N ILE C 173 28.54 -1.20 -26.94
CA ILE C 173 27.34 -1.05 -26.12
C ILE C 173 27.49 0.24 -25.31
N LYS C 174 26.44 1.04 -25.29
CA LYS C 174 26.43 2.26 -24.52
C LYS C 174 25.24 2.20 -23.56
N ARG C 175 25.48 2.53 -22.28
CA ARG C 175 24.40 2.55 -21.28
C ARG C 175 24.63 3.67 -20.31
N SER C 176 23.57 4.07 -19.61
CA SER C 176 23.62 5.15 -18.64
C SER C 176 23.99 4.70 -17.22
N THR C 177 24.05 3.41 -16.94
CA THR C 177 24.51 2.98 -15.63
C THR C 177 25.70 2.05 -15.78
N ASN C 178 26.35 1.76 -14.67
CA ASN C 178 27.50 0.89 -14.66
C ASN C 178 27.08 -0.52 -14.35
N SER C 179 25.81 -0.72 -14.09
CA SER C 179 25.26 -2.06 -13.97
C SER C 179 24.52 -2.45 -15.27
N ILE C 180 25.28 -2.94 -16.24
CA ILE C 180 24.72 -3.37 -17.52
C ILE C 180 24.14 -4.79 -17.46
N SER C 181 22.81 -4.90 -17.42
CA SER C 181 22.13 -6.21 -17.38
C SER C 181 21.08 -6.43 -18.49
N ASP C 182 20.95 -5.45 -19.40
CA ASP C 182 19.98 -5.51 -20.50
C ASP C 182 20.72 -5.62 -21.84
N ALA C 183 21.87 -6.29 -21.87
CA ALA C 183 22.70 -6.37 -23.09
C ALA C 183 22.89 -7.80 -23.56
N LEU C 184 23.55 -8.61 -22.74
CA LEU C 184 23.83 -10.02 -23.03
C LEU C 184 22.84 -10.91 -22.29
N GLN C 185 22.39 -11.97 -22.96
CA GLN C 185 21.31 -12.83 -22.47
C GLN C 185 21.72 -13.56 -21.20
N GLY C 186 21.12 -13.20 -20.07
CA GLY C 186 21.43 -13.85 -18.81
C GLY C 186 22.78 -13.50 -18.18
N VAL C 187 23.28 -12.32 -18.48
CA VAL C 187 24.52 -11.86 -17.89
C VAL C 187 24.32 -10.43 -17.37
N THR C 188 24.86 -10.16 -16.19
CA THR C 188 25.03 -8.78 -15.74
C THR C 188 26.52 -8.50 -15.71
N ILE C 189 26.88 -7.29 -16.12
CA ILE C 189 28.24 -6.81 -15.98
C ILE C 189 28.22 -5.54 -15.13
N ASP C 190 28.70 -5.65 -13.90
CA ASP C 190 28.82 -4.50 -13.02
C ASP C 190 30.21 -3.96 -13.23
N LEU C 191 30.29 -2.77 -13.85
CA LEU C 191 31.57 -2.19 -14.25
C LEU C 191 32.29 -1.58 -13.07
N LYS C 192 33.57 -1.90 -12.93
CA LYS C 192 34.37 -1.40 -11.81
C LYS C 192 35.39 -0.37 -12.31
N THR C 193 36.01 -0.65 -13.45
CA THR C 193 36.99 0.30 -14.01
C THR C 193 37.21 0.08 -15.51
N LYS C 194 37.92 1.01 -16.14
CA LYS C 194 38.39 0.82 -17.52
C LYS C 194 39.36 -0.36 -17.67
N THR C 195 39.51 -0.86 -18.90
CA THR C 195 40.52 -1.85 -19.23
C THR C 195 41.62 -1.14 -20.00
N LYS C 196 42.84 -1.71 -19.98
CA LYS C 196 44.00 -1.08 -20.62
C LYS C 196 43.79 -0.91 -22.13
N THR C 197 44.46 0.10 -22.70
CA THR C 197 44.34 0.46 -24.14
C THR C 197 44.30 -0.75 -25.12
N ASP C 198 45.43 -1.43 -25.30
CA ASP C 198 45.51 -2.52 -26.28
C ASP C 198 45.31 -3.91 -25.63
N GLU C 199 44.29 -4.04 -24.77
CA GLU C 199 44.20 -5.21 -23.88
C GLU C 199 42.80 -5.48 -23.29
N PRO C 200 41.86 -5.95 -24.12
CA PRO C 200 40.57 -6.39 -23.59
C PRO C 200 40.72 -7.53 -22.61
N GLN C 201 39.84 -7.63 -21.63
CA GLN C 201 39.93 -8.67 -20.62
C GLN C 201 39.27 -9.92 -21.17
N HIS C 202 40.07 -10.95 -21.41
CA HIS C 202 39.57 -12.22 -21.93
C HIS C 202 38.87 -12.94 -20.77
N LEU C 203 37.60 -13.27 -20.96
CA LEU C 203 36.85 -14.04 -19.96
C LEU C 203 36.29 -15.33 -20.58
N VAL C 204 35.89 -16.26 -19.71
CA VAL C 204 35.29 -17.55 -20.11
C VAL C 204 34.11 -17.94 -19.19
N ILE C 205 32.91 -18.08 -19.78
CA ILE C 205 31.70 -18.51 -19.05
C ILE C 205 31.57 -20.02 -19.08
ZN ZN D . -8.51 6.66 15.17
ZN ZN E . -47.62 -32.76 6.06
ZN ZN F . -21.71 -11.32 -2.69
ZN ZN G . -0.03 19.47 13.92
ZN ZN H . -9.42 3.97 35.54
ZN ZN I . -13.52 18.39 -18.23
ZN ZN J . 23.23 38.56 -7.85
ZN ZN K . 22.53 7.55 -22.64
ZN ZN L . 44.62 -9.59 -25.44
#